data_9JJW
#
_entry.id   9JJW
#
_cell.length_a   91.461
_cell.length_b   147.377
_cell.length_c   71.111
_cell.angle_alpha   90.00
_cell.angle_beta   90.00
_cell.angle_gamma   90.00
#
_symmetry.space_group_name_H-M   'C 2 2 21'
#
loop_
_entity.id
_entity.type
_entity.pdbx_description
1 polymer 'LOC432253 protein'
2 non-polymer "GUANOSINE-5'-DIPHOSPHATE"
3 non-polymer 'MAGNESIUM ION'
4 water water
#
_entity_poly.entity_id   1
_entity_poly.type   'polypeptide(L)'
_entity_poly.pdbx_seq_one_letter_code
;AEPDHPIQLVWTDVNGRLSLDLSGAHDCFLNTRYSNYPVFILCIIGEKRRGKSFLMNYIMRALRSMEMDEEISLGADDEP
LKGFKWSPGTETTTKGIWMWNRPFLLNHKGGKIAVFLLDTEGSLDIESDRETCIKLSALSLFISSHLIFNVASNLKETEL
DYMEMYMNMGEECGPKNLQHLDILVRDWYHSKKWDRDVARSYISREIEKLEKLNSYPKVLWSLKSNQTRCFLLPHPGKGI
TGESEGRLQDMDEDFQESLRSYVSKVVKGICTHIKTNIDGELLTSAHVFSMLQEFTEVLNLQIYGFSSPMEMFYAIKNQK
LMGEIENEFQDFLKNQSSLTLPPTMRVKVSQKFSELLEKFMQFVQGSNTSSHDAMLKDLEVRLLEIQEKFCNDFTTRFT
;
_entity_poly.pdbx_strand_id   A
#
# COMPACT_ATOMS: atom_id res chain seq x y z
N ALA A 1 -0.42 19.68 18.12
CA ALA A 1 0.86 20.19 17.63
C ALA A 1 0.70 21.51 16.88
N GLU A 2 1.79 22.31 16.83
CA GLU A 2 1.81 23.62 16.21
C GLU A 2 2.17 23.50 14.72
N PRO A 3 1.87 24.52 13.91
CA PRO A 3 2.15 24.43 12.48
C PRO A 3 3.63 24.24 12.16
N ASP A 4 3.89 23.58 11.02
CA ASP A 4 5.21 23.21 10.51
C ASP A 4 5.83 22.08 11.33
N HIS A 5 5.09 20.97 11.41
CA HIS A 5 5.48 19.74 12.06
C HIS A 5 4.71 18.62 11.39
N PRO A 6 5.31 17.44 11.23
CA PRO A 6 4.53 16.28 10.81
C PRO A 6 3.47 15.99 11.87
N ILE A 7 2.32 15.52 11.41
CA ILE A 7 1.31 14.97 12.31
C ILE A 7 0.89 13.65 11.71
N GLN A 8 0.45 12.74 12.56
CA GLN A 8 0.05 11.42 12.08
C GLN A 8 -1.41 11.47 11.64
N LEU A 9 -1.64 11.28 10.34
CA LEU A 9 -2.99 11.34 9.79
C LEU A 9 -3.73 10.03 10.01
N VAL A 10 -3.04 8.90 9.82
CA VAL A 10 -3.65 7.58 9.98
C VAL A 10 -2.71 6.72 10.79
N TRP A 11 -3.28 5.89 11.68
CA TRP A 11 -2.53 4.86 12.39
C TRP A 11 -3.35 3.57 12.39
N THR A 12 -2.69 2.49 12.80
CA THR A 12 -3.28 1.17 12.90
C THR A 12 -3.44 0.79 14.38
N ASP A 13 -4.57 0.18 14.73
CA ASP A 13 -4.78 -0.20 16.12
C ASP A 13 -4.54 -1.69 16.31
N VAL A 14 -4.85 -2.18 17.52
CA VAL A 14 -4.53 -3.56 17.89
C VAL A 14 -5.09 -4.53 16.85
N ASN A 15 -6.32 -4.29 16.44
CA ASN A 15 -7.08 -5.22 15.61
C ASN A 15 -6.88 -5.00 14.11
N GLY A 16 -5.82 -4.30 13.70
CA GLY A 16 -5.59 -4.08 12.28
C GLY A 16 -6.50 -3.06 11.64
N ARG A 17 -7.18 -2.25 12.43
CA ARG A 17 -8.12 -1.27 11.94
C ARG A 17 -7.40 0.05 11.66
N LEU A 18 -7.74 0.67 10.53
CA LEU A 18 -7.20 1.99 10.19
C LEU A 18 -8.05 3.06 10.85
N SER A 19 -7.39 3.98 11.56
CA SER A 19 -8.06 5.06 12.26
C SER A 19 -7.50 6.40 11.80
N LEU A 20 -8.39 7.32 11.43
CA LEU A 20 -7.99 8.68 11.09
C LEU A 20 -8.00 9.57 12.33
N ASP A 21 -7.13 10.58 12.34
CA ASP A 21 -7.19 11.62 13.36
C ASP A 21 -8.31 12.59 13.00
N LEU A 22 -9.48 12.40 13.62
CA LEU A 22 -10.63 13.25 13.34
C LEU A 22 -10.55 14.63 13.98
N SER A 23 -9.44 14.98 14.63
CA SER A 23 -9.35 16.31 15.20
C SER A 23 -8.25 17.12 14.53
N GLY A 24 -6.99 16.81 14.84
CA GLY A 24 -5.89 17.62 14.32
C GLY A 24 -5.80 17.57 12.81
N ALA A 25 -5.82 16.37 12.23
CA ALA A 25 -5.78 16.27 10.78
C ALA A 25 -7.01 16.90 10.16
N HIS A 26 -8.18 16.51 10.66
CA HIS A 26 -9.44 17.09 10.21
C HIS A 26 -9.39 18.61 10.23
N ASP A 27 -8.98 19.19 11.36
CA ASP A 27 -8.88 20.64 11.45
C ASP A 27 -7.83 21.18 10.48
N CYS A 28 -6.80 20.39 10.15
CA CYS A 28 -5.78 20.89 9.25
C CYS A 28 -6.36 21.18 7.86
N PHE A 29 -7.23 20.29 7.36
CA PHE A 29 -7.82 20.48 6.04
C PHE A 29 -8.86 21.60 6.01
N LEU A 30 -9.46 21.94 7.14
CA LEU A 30 -10.60 22.85 7.18
C LEU A 30 -10.23 24.26 7.63
N ASN A 31 -8.94 24.58 7.73
CA ASN A 31 -8.54 25.95 8.04
C ASN A 31 -9.08 26.91 6.99
N THR A 32 -9.66 28.02 7.45
CA THR A 32 -10.44 28.88 6.58
C THR A 32 -9.57 29.73 5.66
N ARG A 33 -8.26 29.82 5.93
CA ARG A 33 -7.36 30.54 5.05
C ARG A 33 -7.19 29.84 3.70
N TYR A 34 -7.36 28.52 3.64
CA TYR A 34 -7.11 27.78 2.41
C TYR A 34 -8.12 26.68 2.15
N SER A 35 -9.21 26.60 2.92
CA SER A 35 -10.11 25.47 2.84
C SER A 35 -10.82 25.40 1.49
N ASN A 36 -10.94 26.53 0.79
CA ASN A 36 -11.59 26.53 -0.51
C ASN A 36 -10.59 26.63 -1.65
N TYR A 37 -9.30 26.47 -1.38
CA TYR A 37 -8.38 26.39 -2.51
C TYR A 37 -8.45 25.00 -3.15
N PRO A 38 -8.18 24.91 -4.44
CA PRO A 38 -7.92 23.59 -5.03
C PRO A 38 -6.68 23.00 -4.41
N VAL A 39 -6.67 21.67 -4.28
CA VAL A 39 -5.56 20.99 -3.63
C VAL A 39 -4.79 20.18 -4.65
N PHE A 40 -3.49 20.04 -4.36
CA PHE A 40 -2.61 19.07 -4.95
C PHE A 40 -2.16 18.18 -3.79
N ILE A 41 -2.27 16.86 -3.93
CA ILE A 41 -1.97 15.96 -2.84
C ILE A 41 -0.89 14.99 -3.27
N LEU A 42 0.30 15.13 -2.68
CA LEU A 42 1.46 14.32 -3.05
C LEU A 42 1.68 13.27 -1.97
N CYS A 43 1.69 12.00 -2.37
CA CYS A 43 1.90 10.90 -1.44
C CYS A 43 3.08 10.06 -1.95
N ILE A 44 3.81 9.46 -1.02
CA ILE A 44 4.92 8.58 -1.38
C ILE A 44 4.70 7.26 -0.67
N ILE A 45 4.91 6.15 -1.40
CA ILE A 45 4.76 4.82 -0.87
C ILE A 45 5.93 3.99 -1.39
N GLY A 46 6.17 2.86 -0.73
CA GLY A 46 7.16 1.92 -1.17
C GLY A 46 7.94 1.28 -0.03
N GLU A 47 8.93 0.47 -0.42
CA GLU A 47 9.77 -0.28 0.50
C GLU A 47 10.41 0.61 1.58
N LYS A 48 10.43 0.10 2.81
CA LYS A 48 11.02 0.79 3.94
C LYS A 48 12.50 1.09 3.71
N ARG A 49 12.98 2.15 4.34
CA ARG A 49 14.41 2.45 4.43
C ARG A 49 15.01 2.68 3.04
N ARG A 50 14.31 3.47 2.22
CA ARG A 50 14.86 3.75 0.90
C ARG A 50 14.76 5.23 0.56
N GLY A 51 14.76 6.10 1.57
CA GLY A 51 14.84 7.53 1.32
C GLY A 51 13.54 8.20 0.93
N LYS A 52 12.40 7.68 1.36
CA LYS A 52 11.11 8.32 1.03
C LYS A 52 10.95 9.62 1.81
N SER A 53 11.07 9.56 3.14
CA SER A 53 11.05 10.76 3.95
C SER A 53 12.13 11.75 3.51
N PHE A 54 13.34 11.26 3.27
CA PHE A 54 14.42 12.13 2.78
C PHE A 54 13.98 12.91 1.55
N LEU A 55 13.47 12.22 0.53
CA LEU A 55 13.04 12.89 -0.71
C LEU A 55 11.91 13.88 -0.45
N MET A 56 10.93 13.50 0.37
CA MET A 56 9.84 14.41 0.69
C MET A 56 10.37 15.71 1.31
N ASN A 57 11.38 15.59 2.16
CA ASN A 57 11.96 16.77 2.81
C ASN A 57 12.61 17.69 1.78
N TYR A 58 13.25 17.12 0.75
CA TYR A 58 13.85 17.98 -0.29
C TYR A 58 12.79 18.61 -1.19
N ILE A 59 11.72 17.85 -1.51
CA ILE A 59 10.57 18.44 -2.19
C ILE A 59 9.99 19.59 -1.37
N MET A 60 9.94 19.42 -0.05
CA MET A 60 9.44 20.46 0.85
C MET A 60 10.27 21.74 0.73
N ARG A 61 11.59 21.61 0.60
CA ARG A 61 12.41 22.80 0.43
C ARG A 61 11.98 23.55 -0.82
N ALA A 62 11.77 22.81 -1.92
CA ALA A 62 11.36 23.43 -3.18
C ALA A 62 10.01 24.11 -3.04
N LEU A 63 9.08 23.49 -2.29
CA LEU A 63 7.78 24.09 -2.11
C LEU A 63 7.88 25.39 -1.32
N ARG A 64 8.70 25.39 -0.25
CA ARG A 64 8.88 26.61 0.54
C ARG A 64 9.52 27.72 -0.27
N SER A 65 10.53 27.40 -1.08
CA SER A 65 11.14 28.43 -1.92
C SER A 65 10.15 28.94 -2.98
N MET A 66 9.31 28.05 -3.52
CA MET A 66 8.23 28.49 -4.40
C MET A 66 7.26 29.41 -3.67
N GLU A 67 6.89 29.05 -2.44
CA GLU A 67 6.02 29.89 -1.62
C GLU A 67 6.59 31.29 -1.44
N MET A 68 7.91 31.41 -1.40
CA MET A 68 8.58 32.63 -1.00
C MET A 68 8.90 33.53 -2.19
N ASP A 69 9.70 33.02 -3.13
CA ASP A 69 10.22 33.78 -4.25
C ASP A 69 9.69 33.30 -5.58
N GLU A 70 8.81 32.30 -5.59
CA GLU A 70 8.34 31.66 -6.82
C GLU A 70 9.50 31.07 -7.62
N GLU A 71 10.58 30.69 -6.93
CA GLU A 71 11.73 30.03 -7.55
C GLU A 71 11.96 28.69 -6.88
N ILE A 72 12.40 27.71 -7.65
CA ILE A 72 12.76 26.42 -7.10
C ILE A 72 14.21 26.47 -6.64
N SER A 73 14.41 26.23 -5.34
CA SER A 73 15.71 26.10 -4.72
C SER A 73 15.67 24.90 -3.79
N LEU A 74 16.75 24.12 -3.77
CA LEU A 74 16.89 23.02 -2.83
C LEU A 74 17.69 23.40 -1.60
N GLY A 75 17.94 24.69 -1.40
CA GLY A 75 18.59 25.17 -0.19
C GLY A 75 20.08 25.38 -0.41
N ALA A 76 20.72 25.84 0.66
CA ALA A 76 22.16 26.07 0.60
C ALA A 76 22.90 24.75 0.78
N ASP A 77 24.16 24.74 0.32
CA ASP A 77 24.90 23.50 0.22
C ASP A 77 25.13 22.86 1.58
N ASP A 78 25.26 23.67 2.64
CA ASP A 78 25.53 23.13 3.97
C ASP A 78 24.28 23.04 4.85
N GLU A 79 23.09 23.26 4.30
CA GLU A 79 21.91 23.20 5.15
C GLU A 79 21.56 21.75 5.48
N PRO A 80 21.52 21.35 6.75
CA PRO A 80 21.11 19.98 7.08
C PRO A 80 19.63 19.77 6.78
N LEU A 81 19.28 18.52 6.50
CA LEU A 81 17.94 18.20 6.02
C LEU A 81 17.00 18.00 7.20
N LYS A 82 15.83 18.65 7.13
CA LYS A 82 14.84 18.57 8.19
C LYS A 82 13.45 18.38 7.59
N GLY A 83 12.51 17.97 8.44
CA GLY A 83 11.11 17.83 8.06
C GLY A 83 10.50 16.56 8.62
N PHE A 84 9.97 15.70 7.76
CA PHE A 84 9.58 14.37 8.19
C PHE A 84 10.79 13.65 8.77
N LYS A 85 10.54 12.81 9.78
CA LYS A 85 11.61 12.05 10.41
C LYS A 85 12.28 11.11 9.41
N TRP A 86 13.59 11.23 9.28
CA TRP A 86 14.39 10.38 8.39
C TRP A 86 15.68 10.03 9.13
N SER A 87 16.09 8.77 9.03
CA SER A 87 17.22 8.29 9.83
C SER A 87 17.89 7.14 9.09
N PRO A 88 19.19 6.93 9.33
CA PRO A 88 19.87 5.78 8.75
C PRO A 88 19.62 4.54 9.61
N GLY A 89 19.95 3.41 9.04
CA GLY A 89 19.91 2.18 9.79
C GLY A 89 18.76 1.28 9.38
N THR A 90 18.64 0.18 10.10
CA THR A 90 17.71 -0.90 9.76
C THR A 90 16.38 -0.78 10.48
N GLU A 91 16.32 -0.04 11.59
CA GLU A 91 15.09 -0.01 12.37
C GLU A 91 14.05 0.88 11.69
N THR A 92 12.81 0.71 12.11
CA THR A 92 11.66 1.32 11.47
C THR A 92 11.36 2.70 12.03
N THR A 93 11.00 3.63 11.14
CA THR A 93 10.61 4.97 11.55
C THR A 93 9.12 5.23 11.30
N THR A 94 8.78 5.59 10.07
CA THR A 94 7.42 5.97 9.73
C THR A 94 6.46 4.81 9.99
N LYS A 95 5.44 5.03 10.83
CA LYS A 95 4.32 4.12 11.00
C LYS A 95 3.02 4.86 10.67
N GLY A 96 2.06 4.13 10.06
CA GLY A 96 0.83 4.75 9.65
C GLY A 96 1.09 5.68 8.46
N ILE A 97 0.30 6.75 8.38
CA ILE A 97 0.51 7.83 7.42
C ILE A 97 0.72 9.13 8.18
N TRP A 98 1.81 9.83 7.85
CA TRP A 98 2.06 11.15 8.36
C TRP A 98 1.86 12.17 7.23
N MET A 99 1.41 13.35 7.60
CA MET A 99 1.32 14.49 6.69
C MET A 99 1.97 15.70 7.33
N TRP A 100 2.48 16.60 6.50
CA TRP A 100 2.89 17.91 6.99
C TRP A 100 1.64 18.67 7.42
N ASN A 101 1.67 19.31 8.58
CA ASN A 101 0.44 19.82 9.16
C ASN A 101 0.12 21.25 8.71
N ARG A 102 0.70 21.70 7.62
CA ARG A 102 0.15 22.84 6.90
C ARG A 102 0.37 22.59 5.43
N PRO A 103 -0.54 23.06 4.57
CA PRO A 103 -0.26 23.04 3.14
C PRO A 103 0.80 24.08 2.82
N PHE A 104 1.43 23.90 1.66
CA PHE A 104 2.21 24.95 1.05
C PHE A 104 1.35 25.60 -0.03
N LEU A 105 1.31 26.93 -0.03
CA LEU A 105 0.36 27.68 -0.85
C LEU A 105 1.09 28.25 -2.05
N LEU A 106 0.82 27.69 -3.22
CA LEU A 106 1.50 28.09 -4.45
C LEU A 106 0.56 28.91 -5.33
N ASN A 107 1.15 29.88 -6.04
CA ASN A 107 0.39 30.76 -6.92
C ASN A 107 -0.10 30.01 -8.15
N HIS A 108 -1.34 30.29 -8.55
CA HIS A 108 -1.93 29.62 -9.70
C HIS A 108 -3.08 30.48 -10.22
N LYS A 109 -2.94 30.96 -11.45
CA LYS A 109 -4.07 31.54 -12.18
C LYS A 109 -4.79 32.62 -11.36
N GLY A 110 -4.01 33.52 -10.77
CA GLY A 110 -4.57 34.51 -9.89
C GLY A 110 -5.06 34.00 -8.55
N GLY A 111 -4.94 32.70 -8.28
CA GLY A 111 -5.38 32.12 -7.03
C GLY A 111 -4.25 31.36 -6.37
N LYS A 112 -4.64 30.35 -5.59
CA LYS A 112 -3.66 29.54 -4.89
C LYS A 112 -4.01 28.06 -5.04
N ILE A 113 -2.98 27.23 -5.02
CA ILE A 113 -3.10 25.79 -4.87
C ILE A 113 -2.55 25.43 -3.51
N ALA A 114 -3.31 24.67 -2.73
CA ALA A 114 -2.87 24.16 -1.45
C ALA A 114 -2.20 22.81 -1.64
N VAL A 115 -0.89 22.72 -1.37
CA VAL A 115 -0.10 21.50 -1.57
C VAL A 115 0.05 20.75 -0.24
N PHE A 116 -0.48 19.53 -0.18
CA PHE A 116 -0.38 18.64 0.98
C PHE A 116 0.56 17.47 0.67
N LEU A 117 1.35 17.08 1.67
CA LEU A 117 2.34 16.01 1.51
C LEU A 117 2.05 14.88 2.49
N LEU A 118 1.97 13.65 1.99
CA LEU A 118 1.71 12.48 2.84
C LEU A 118 2.85 11.49 2.73
N ASP A 119 3.33 11.01 3.87
CA ASP A 119 4.48 10.13 3.99
C ASP A 119 3.99 8.82 4.60
N THR A 120 4.09 7.74 3.84
CA THR A 120 3.49 6.45 4.18
C THR A 120 4.52 5.48 4.73
N GLU A 121 4.11 4.73 5.76
CA GLU A 121 4.87 3.61 6.32
C GLU A 121 5.44 2.72 5.21
N GLY A 122 6.71 2.34 5.36
CA GLY A 122 7.35 1.54 4.34
C GLY A 122 6.90 0.08 4.34
N SER A 123 6.88 -0.52 3.16
CA SER A 123 6.51 -1.93 3.01
C SER A 123 7.71 -2.84 3.31
N LEU A 124 7.42 -4.13 3.42
CA LEU A 124 8.41 -5.21 3.59
C LEU A 124 9.02 -5.23 5.00
N ASP A 125 8.35 -4.60 5.96
CA ASP A 125 8.77 -4.60 7.37
C ASP A 125 8.07 -5.75 8.10
N ILE A 126 8.85 -6.71 8.60
CA ILE A 126 8.23 -7.85 9.28
C ILE A 126 7.69 -7.50 10.67
N GLU A 127 8.00 -6.33 11.20
CA GLU A 127 7.38 -5.94 12.47
C GLU A 127 5.99 -5.35 12.30
N SER A 128 5.54 -5.12 11.07
CA SER A 128 4.17 -4.70 10.83
C SER A 128 3.44 -5.76 10.02
N ASP A 129 2.14 -5.83 10.25
CA ASP A 129 1.27 -6.70 9.47
C ASP A 129 1.23 -6.23 8.03
N ARG A 130 1.58 -7.12 7.10
CA ARG A 130 1.70 -6.68 5.71
C ARG A 130 0.36 -6.20 5.14
N GLU A 131 -0.75 -6.81 5.56
CA GLU A 131 -2.06 -6.33 5.10
C GLU A 131 -2.32 -4.90 5.58
N THR A 132 -1.95 -4.60 6.81
CA THR A 132 -2.08 -3.24 7.34
C THR A 132 -1.35 -2.25 6.45
N CYS A 133 -0.12 -2.57 6.08
CA CYS A 133 0.65 -1.64 5.27
C CYS A 133 0.15 -1.59 3.83
N ILE A 134 -0.42 -2.69 3.33
CA ILE A 134 -1.06 -2.67 2.02
C ILE A 134 -2.23 -1.68 2.03
N LYS A 135 -2.99 -1.66 3.13
CA LYS A 135 -4.14 -0.77 3.23
C LYS A 135 -3.71 0.69 3.33
N LEU A 136 -2.68 0.95 4.13
CA LEU A 136 -2.15 2.31 4.23
C LEU A 136 -1.69 2.81 2.86
N SER A 137 -0.98 1.95 2.11
CA SER A 137 -0.47 2.32 0.79
C SER A 137 -1.62 2.57 -0.16
N ALA A 138 -2.64 1.71 -0.12
CA ALA A 138 -3.81 1.91 -0.97
C ALA A 138 -4.51 3.21 -0.63
N LEU A 139 -4.59 3.54 0.66
CA LEU A 139 -5.25 4.78 1.04
C LEU A 139 -4.48 5.98 0.48
N SER A 140 -3.14 5.96 0.61
CA SER A 140 -2.33 7.02 0.02
C SER A 140 -2.52 7.08 -1.49
N LEU A 141 -2.65 5.92 -2.13
CA LEU A 141 -2.84 5.91 -3.59
C LEU A 141 -4.18 6.52 -3.97
N PHE A 142 -5.22 6.20 -3.19
CA PHE A 142 -6.55 6.70 -3.50
C PHE A 142 -6.61 8.21 -3.41
N ILE A 143 -6.05 8.78 -2.33
CA ILE A 143 -6.21 10.20 -2.08
C ILE A 143 -5.27 11.06 -2.92
N SER A 144 -4.19 10.47 -3.43
CA SER A 144 -3.17 11.23 -4.12
C SER A 144 -3.73 11.88 -5.39
N SER A 145 -3.14 13.03 -5.75
CA SER A 145 -3.20 13.46 -7.14
C SER A 145 -1.84 13.32 -7.81
N HIS A 146 -0.79 13.05 -7.04
CA HIS A 146 0.53 12.70 -7.57
C HIS A 146 1.09 11.65 -6.62
N LEU A 147 1.24 10.42 -7.09
CA LEU A 147 1.75 9.33 -6.26
C LEU A 147 3.17 8.99 -6.66
N ILE A 148 4.08 8.99 -5.71
CA ILE A 148 5.45 8.55 -5.94
C ILE A 148 5.56 7.12 -5.44
N PHE A 149 5.83 6.18 -6.34
CA PHE A 149 6.15 4.82 -5.97
C PHE A 149 7.67 4.68 -5.94
N ASN A 150 8.24 4.78 -4.73
CA ASN A 150 9.68 4.74 -4.51
C ASN A 150 10.17 3.29 -4.55
N VAL A 151 11.04 2.99 -5.52
CA VAL A 151 11.44 1.62 -5.85
C VAL A 151 12.94 1.49 -5.62
N ALA A 152 13.37 0.40 -4.98
CA ALA A 152 14.79 0.15 -4.76
C ALA A 152 15.41 -0.51 -5.99
N SER A 153 16.36 0.19 -6.64
CA SER A 153 17.28 -0.32 -7.65
C SER A 153 16.63 -0.60 -9.00
N ASN A 154 15.46 -1.22 -9.02
CA ASN A 154 14.83 -1.62 -10.28
C ASN A 154 13.47 -2.25 -9.97
N LEU A 155 12.60 -2.24 -10.96
CA LEU A 155 11.33 -2.93 -10.84
C LEU A 155 11.58 -4.42 -10.76
N LYS A 156 11.07 -5.07 -9.73
CA LYS A 156 11.20 -6.50 -9.55
C LYS A 156 9.82 -7.09 -9.30
N GLU A 157 9.79 -8.42 -9.18
CA GLU A 157 8.59 -9.13 -8.80
C GLU A 157 7.91 -8.47 -7.61
N THR A 158 8.71 -8.05 -6.62
CA THR A 158 8.15 -7.50 -5.40
C THR A 158 7.32 -6.25 -5.65
N GLU A 159 7.87 -5.29 -6.42
CA GLU A 159 7.15 -4.03 -6.62
C GLU A 159 5.91 -4.26 -7.47
N LEU A 160 6.02 -5.12 -8.48
CA LEU A 160 4.83 -5.42 -9.28
C LEU A 160 3.79 -6.15 -8.46
N ASP A 161 4.21 -7.13 -7.65
CA ASP A 161 3.26 -7.83 -6.79
C ASP A 161 2.50 -6.84 -5.92
N TYR A 162 3.22 -5.88 -5.31
CA TYR A 162 2.58 -4.98 -4.35
C TYR A 162 1.72 -3.93 -5.04
N MET A 163 2.20 -3.30 -6.11
CA MET A 163 1.35 -2.31 -6.76
C MET A 163 0.08 -2.96 -7.31
N GLU A 164 0.17 -4.19 -7.83
CA GLU A 164 -1.05 -4.88 -8.26
C GLU A 164 -2.01 -5.06 -7.09
N MET A 165 -1.50 -5.37 -5.89
CA MET A 165 -2.38 -5.45 -4.73
C MET A 165 -2.97 -4.09 -4.39
N TYR A 166 -2.13 -3.05 -4.34
CA TYR A 166 -2.67 -1.73 -4.03
C TYR A 166 -3.82 -1.38 -4.96
N MET A 167 -3.66 -1.61 -6.26
CA MET A 167 -4.67 -1.28 -7.26
C MET A 167 -5.91 -2.21 -7.25
N ASN A 168 -5.96 -3.24 -6.41
CA ASN A 168 -7.15 -4.07 -6.28
C ASN A 168 -7.93 -3.80 -5.00
N MET A 169 -7.52 -2.84 -4.18
CA MET A 169 -8.20 -2.55 -2.92
C MET A 169 -9.48 -1.73 -3.15
N GLY A 170 -10.34 -2.24 -4.00
CA GLY A 170 -11.55 -1.54 -4.38
C GLY A 170 -11.39 -0.80 -5.69
N GLU A 171 -12.52 -0.52 -6.34
CA GLU A 171 -12.41 0.11 -7.65
C GLU A 171 -11.85 1.51 -7.54
N GLU A 172 -11.97 2.15 -6.38
CA GLU A 172 -11.36 3.45 -6.15
C GLU A 172 -9.85 3.43 -6.44
N CYS A 173 -9.18 2.30 -6.30
CA CYS A 173 -7.73 2.24 -6.43
C CYS A 173 -7.27 1.71 -7.78
N GLY A 174 -8.19 1.46 -8.71
CA GLY A 174 -7.83 1.00 -10.04
C GLY A 174 -7.00 2.02 -10.81
N PRO A 175 -6.20 1.54 -11.76
CA PRO A 175 -5.24 2.44 -12.43
C PRO A 175 -5.89 3.56 -13.20
N LYS A 176 -7.11 3.38 -13.67
CA LYS A 176 -7.74 4.44 -14.45
C LYS A 176 -8.11 5.62 -13.56
N ASN A 177 -8.36 5.37 -12.27
CA ASN A 177 -8.67 6.41 -11.29
C ASN A 177 -7.43 7.04 -10.65
N LEU A 178 -6.22 6.60 -10.98
CA LEU A 178 -4.99 7.14 -10.40
C LEU A 178 -4.51 8.29 -11.27
N GLN A 179 -4.67 9.52 -10.77
CA GLN A 179 -4.45 10.70 -11.60
C GLN A 179 -3.05 10.74 -12.19
N HIS A 180 -2.04 10.54 -11.34
CA HIS A 180 -0.67 10.57 -11.83
C HIS A 180 0.21 9.73 -10.94
N LEU A 181 1.08 8.94 -11.56
CA LEU A 181 1.98 8.06 -10.83
C LEU A 181 3.41 8.25 -11.34
N ASP A 182 4.35 8.43 -10.41
CA ASP A 182 5.77 8.37 -10.76
C ASP A 182 6.31 7.05 -10.24
N ILE A 183 6.91 6.27 -11.12
CA ILE A 183 7.75 5.15 -10.67
C ILE A 183 9.15 5.71 -10.52
N LEU A 184 9.58 5.90 -9.28
CA LEU A 184 10.83 6.56 -8.99
C LEU A 184 11.81 5.50 -8.52
N VAL A 185 12.81 5.21 -9.35
CA VAL A 185 13.75 4.13 -9.08
C VAL A 185 14.96 4.76 -8.42
N ARG A 186 15.17 4.46 -7.14
CA ARG A 186 16.34 4.92 -6.39
C ARG A 186 17.52 3.98 -6.62
N ASP A 187 18.74 4.53 -6.43
CA ASP A 187 19.97 3.74 -6.55
C ASP A 187 20.08 3.08 -7.92
N TRP A 188 19.64 3.80 -8.96
CA TRP A 188 19.81 3.34 -10.34
C TRP A 188 21.29 3.05 -10.62
N TYR A 189 21.57 1.90 -11.25
CA TYR A 189 22.93 1.36 -11.34
C TYR A 189 23.88 2.24 -12.15
N HIS A 190 23.37 3.09 -13.03
CA HIS A 190 24.21 3.89 -13.92
C HIS A 190 24.15 5.35 -13.51
N SER A 191 25.26 5.86 -12.99
CA SER A 191 25.30 7.23 -12.50
C SER A 191 25.25 8.26 -13.61
N LYS A 192 25.52 7.86 -14.86
CA LYS A 192 25.54 8.80 -15.97
C LYS A 192 24.30 8.74 -16.85
N LYS A 193 23.69 7.58 -17.03
CA LYS A 193 22.58 7.38 -17.98
C LYS A 193 21.29 7.15 -17.19
N TRP A 194 20.58 8.25 -16.90
CA TRP A 194 19.40 8.17 -16.06
C TRP A 194 18.29 9.11 -16.50
N ASP A 195 18.37 9.65 -17.72
CA ASP A 195 17.48 10.72 -18.16
C ASP A 195 16.16 10.16 -18.70
N ARG A 196 15.36 11.05 -19.28
CA ARG A 196 13.97 10.72 -19.61
C ARG A 196 13.91 9.62 -20.66
N ASP A 197 14.83 9.63 -21.62
CA ASP A 197 14.80 8.61 -22.66
C ASP A 197 15.23 7.25 -22.13
N VAL A 198 16.19 7.23 -21.20
CA VAL A 198 16.55 5.97 -20.57
C VAL A 198 15.36 5.39 -19.82
N ALA A 199 14.65 6.24 -19.05
CA ALA A 199 13.51 5.77 -18.27
C ALA A 199 12.39 5.26 -19.16
N ARG A 200 12.03 6.02 -20.21
CA ARG A 200 10.97 5.56 -21.10
C ARG A 200 11.34 4.24 -21.77
N SER A 201 12.59 4.13 -22.24
CA SER A 201 13.07 2.88 -22.81
C SER A 201 13.01 1.74 -21.80
N TYR A 202 13.32 2.05 -20.53
CA TYR A 202 13.25 1.02 -19.49
C TYR A 202 11.81 0.54 -19.32
N ILE A 203 10.85 1.45 -19.26
CA ILE A 203 9.46 1.04 -19.06
C ILE A 203 8.94 0.29 -20.27
N SER A 204 9.36 0.67 -21.48
CA SER A 204 8.92 -0.07 -22.67
C SER A 204 9.39 -1.50 -22.61
N ARG A 205 10.65 -1.71 -22.18
CA ARG A 205 11.16 -3.06 -21.91
C ARG A 205 10.27 -3.77 -20.90
N GLU A 206 9.90 -3.08 -19.82
CA GLU A 206 9.12 -3.74 -18.77
C GLU A 206 7.72 -4.10 -19.28
N ILE A 207 7.11 -3.20 -20.06
CA ILE A 207 5.80 -3.49 -20.66
C ILE A 207 5.89 -4.75 -21.51
N GLU A 208 6.95 -4.87 -22.32
CA GLU A 208 7.15 -6.08 -23.11
C GLU A 208 7.15 -7.31 -22.22
N LYS A 209 7.82 -7.25 -21.06
CA LYS A 209 7.82 -8.36 -20.13
C LYS A 209 6.41 -8.63 -19.60
N LEU A 210 5.72 -7.58 -19.15
CA LEU A 210 4.40 -7.79 -18.55
C LEU A 210 3.40 -8.30 -19.57
N GLU A 211 3.58 -7.98 -20.86
CA GLU A 211 2.63 -8.46 -21.85
C GLU A 211 2.55 -9.98 -21.86
N LYS A 212 3.59 -10.67 -21.41
CA LYS A 212 3.65 -12.12 -21.47
C LYS A 212 3.07 -12.80 -20.26
N LEU A 213 2.69 -12.03 -19.25
CA LEU A 213 2.26 -12.56 -17.97
C LEU A 213 0.76 -12.38 -17.81
N ASN A 214 0.21 -13.10 -16.85
CA ASN A 214 -1.15 -12.88 -16.38
C ASN A 214 -1.22 -12.10 -15.09
N SER A 215 -0.09 -11.89 -14.41
CA SER A 215 -0.17 -11.48 -13.02
C SER A 215 -0.50 -10.02 -12.83
N TYR A 216 -0.19 -9.14 -13.78
CA TYR A 216 -0.20 -7.70 -13.50
C TYR A 216 -1.03 -6.90 -14.51
N PRO A 217 -2.30 -7.27 -14.74
CA PRO A 217 -3.11 -6.48 -15.69
C PRO A 217 -3.27 -5.03 -15.28
N LYS A 218 -3.47 -4.76 -13.98
CA LYS A 218 -3.68 -3.38 -13.57
C LYS A 218 -2.40 -2.55 -13.70
N VAL A 219 -1.25 -3.09 -13.25
CA VAL A 219 0.00 -2.35 -13.45
C VAL A 219 0.28 -2.17 -14.93
N LEU A 220 -0.01 -3.18 -15.74
CA LEU A 220 0.26 -3.07 -17.17
C LEU A 220 -0.57 -1.96 -17.79
N TRP A 221 -1.86 -1.90 -17.41
CA TRP A 221 -2.73 -0.79 -17.84
C TRP A 221 -2.09 0.54 -17.50
N SER A 222 -1.61 0.66 -16.26
CA SER A 222 -1.02 1.92 -15.79
C SER A 222 0.23 2.29 -16.60
N LEU A 223 1.15 1.34 -16.77
CA LEU A 223 2.39 1.64 -17.49
C LEU A 223 2.13 2.06 -18.93
N LYS A 224 1.05 1.54 -19.53
CA LYS A 224 0.73 1.88 -20.91
C LYS A 224 -0.03 3.20 -21.03
N SER A 225 -0.55 3.73 -19.94
CA SER A 225 -1.36 4.94 -20.01
C SER A 225 -0.47 6.18 -20.05
N ASN A 226 -1.12 7.32 -20.34
CA ASN A 226 -0.46 8.62 -20.23
C ASN A 226 -0.47 9.17 -18.80
N GLN A 227 -0.83 8.35 -17.81
CA GLN A 227 -0.97 8.80 -16.43
C GLN A 227 0.20 8.40 -15.54
N THR A 228 1.22 7.73 -16.11
CA THR A 228 2.32 7.12 -15.35
C THR A 228 3.64 7.38 -16.05
N ARG A 229 4.65 7.86 -15.30
CA ARG A 229 5.99 8.09 -15.81
C ARG A 229 7.02 7.46 -14.88
N CYS A 230 8.22 7.25 -15.39
CA CYS A 230 9.29 6.66 -14.61
C CYS A 230 10.44 7.67 -14.54
N PHE A 231 11.05 7.78 -13.36
CA PHE A 231 12.24 8.60 -13.21
C PHE A 231 13.30 7.80 -12.49
N LEU A 232 14.57 8.15 -12.75
CA LEU A 232 15.70 7.41 -12.23
C LEU A 232 16.64 8.33 -11.46
N LEU A 233 17.03 7.91 -10.26
CA LEU A 233 18.03 8.61 -9.46
C LEU A 233 19.18 7.64 -9.21
N PRO A 234 20.44 8.00 -9.56
CA PRO A 234 21.58 7.16 -9.16
C PRO A 234 21.78 7.10 -7.65
N HIS A 235 22.76 6.30 -7.22
CA HIS A 235 23.04 6.13 -5.80
C HIS A 235 23.55 7.44 -5.20
N PRO A 236 23.13 7.81 -3.98
CA PRO A 236 23.57 9.10 -3.43
C PRO A 236 24.98 9.11 -2.84
N GLY A 237 25.62 7.96 -2.62
CA GLY A 237 26.96 7.91 -2.06
C GLY A 237 26.96 7.67 -0.56
N LYS A 238 28.14 7.32 -0.03
CA LYS A 238 28.21 6.96 1.39
C LYS A 238 28.19 8.18 2.31
N GLY A 239 28.30 9.40 1.76
CA GLY A 239 28.00 10.60 2.52
C GLY A 239 26.51 10.82 2.80
N ILE A 240 25.63 10.01 2.21
CA ILE A 240 24.20 10.10 2.45
C ILE A 240 23.67 8.86 3.17
N THR A 241 24.23 7.68 2.88
CA THR A 241 23.90 6.51 3.68
C THR A 241 24.71 6.52 4.97
N GLY A 242 24.24 5.79 5.96
CA GLY A 242 25.05 5.90 7.18
C GLY A 242 24.87 7.26 7.85
N GLU A 243 25.86 7.65 8.64
CA GLU A 243 25.70 8.85 9.47
C GLU A 243 25.81 10.09 8.60
N SER A 244 24.78 10.94 8.64
CA SER A 244 24.70 12.02 7.68
C SER A 244 23.74 13.10 8.17
N GLU A 245 24.08 14.34 7.86
CA GLU A 245 23.15 15.44 7.99
C GLU A 245 22.26 15.60 6.77
N GLY A 246 22.41 14.76 5.74
CA GLY A 246 21.52 14.85 4.59
C GLY A 246 21.69 16.10 3.75
N ARG A 247 22.87 16.73 3.81
CA ARG A 247 23.15 18.00 3.13
C ARG A 247 23.44 17.79 1.64
N LEU A 248 23.17 18.84 0.87
CA LEU A 248 23.52 18.83 -0.56
C LEU A 248 24.99 18.52 -0.77
N GLN A 249 25.87 19.14 0.03
CA GLN A 249 27.29 18.89 -0.13
C GLN A 249 27.66 17.46 0.21
N ASP A 250 26.78 16.71 0.89
CA ASP A 250 27.08 15.33 1.24
C ASP A 250 26.77 14.36 0.11
N MET A 251 26.12 14.83 -0.96
CA MET A 251 25.57 13.98 -1.99
C MET A 251 26.59 13.68 -3.07
N ASP A 252 26.49 12.48 -3.64
CA ASP A 252 27.16 12.21 -4.90
C ASP A 252 26.70 13.23 -5.94
N GLU A 253 27.63 13.63 -6.80
CA GLU A 253 27.38 14.67 -7.78
C GLU A 253 26.25 14.27 -8.73
N ASP A 254 26.28 13.03 -9.22
CA ASP A 254 25.24 12.59 -10.16
C ASP A 254 23.90 12.45 -9.45
N PHE A 255 23.89 12.03 -8.18
CA PHE A 255 22.63 11.97 -7.44
C PHE A 255 22.02 13.36 -7.33
N GLN A 256 22.84 14.36 -6.96
CA GLN A 256 22.30 15.71 -6.75
C GLN A 256 21.74 16.28 -8.05
N GLU A 257 22.39 16.01 -9.18
CA GLU A 257 21.88 16.50 -10.46
C GLU A 257 20.52 15.87 -10.78
N SER A 258 20.42 14.54 -10.67
CA SER A 258 19.12 13.91 -10.92
C SER A 258 18.08 14.36 -9.90
N LEU A 259 18.47 14.57 -8.64
CA LEU A 259 17.51 15.00 -7.63
C LEU A 259 16.94 16.38 -7.98
N ARG A 260 17.82 17.32 -8.32
CA ARG A 260 17.37 18.66 -8.67
C ARG A 260 16.41 18.60 -9.85
N SER A 261 16.74 17.81 -10.87
CA SER A 261 15.88 17.67 -12.04
C SER A 261 14.54 17.07 -11.66
N TYR A 262 14.54 16.03 -10.83
CA TYR A 262 13.29 15.35 -10.50
C TYR A 262 12.37 16.25 -9.66
N VAL A 263 12.92 16.86 -8.61
CA VAL A 263 12.11 17.74 -7.76
C VAL A 263 11.50 18.87 -8.58
N SER A 264 12.26 19.42 -9.54
CA SER A 264 11.75 20.50 -10.36
C SER A 264 10.59 20.04 -11.22
N LYS A 265 10.73 18.86 -11.84
CA LYS A 265 9.61 18.27 -12.58
C LYS A 265 8.37 18.15 -11.70
N VAL A 266 8.53 17.62 -10.48
CA VAL A 266 7.38 17.43 -9.60
C VAL A 266 6.70 18.76 -9.34
N VAL A 267 7.47 19.76 -8.88
CA VAL A 267 6.91 21.05 -8.51
C VAL A 267 6.24 21.69 -9.71
N LYS A 268 6.93 21.71 -10.85
CA LYS A 268 6.39 22.40 -12.01
C LYS A 268 5.15 21.72 -12.57
N GLY A 269 4.92 20.46 -12.22
CA GLY A 269 3.74 19.77 -12.68
C GLY A 269 2.53 19.92 -11.79
N ILE A 270 2.64 20.68 -10.71
CA ILE A 270 1.58 20.69 -9.71
C ILE A 270 0.28 21.19 -10.32
N CYS A 271 0.35 22.26 -11.10
CA CYS A 271 -0.86 22.85 -11.66
C CYS A 271 -1.55 21.95 -12.68
N THR A 272 -0.88 20.91 -13.17
CA THR A 272 -1.51 19.97 -14.08
C THR A 272 -2.07 18.73 -13.38
N HIS A 273 -1.91 18.63 -12.06
CA HIS A 273 -2.39 17.48 -11.29
C HIS A 273 -3.19 17.93 -10.08
N ILE A 274 -4.09 18.90 -10.29
CA ILE A 274 -5.05 19.26 -9.26
C ILE A 274 -5.97 18.08 -8.96
N LYS A 275 -6.15 17.78 -7.67
CA LYS A 275 -6.96 16.63 -7.27
C LYS A 275 -8.40 16.83 -7.73
N THR A 276 -8.99 15.76 -8.27
CA THR A 276 -10.39 15.77 -8.68
C THR A 276 -11.23 14.78 -7.86
N ASN A 277 -12.51 15.10 -7.70
CA ASN A 277 -13.46 14.21 -7.03
C ASN A 277 -13.89 13.11 -8.00
N ILE A 278 -14.86 12.29 -7.57
CA ILE A 278 -15.35 11.20 -8.42
C ILE A 278 -15.79 11.74 -9.78
N ASP A 279 -16.49 12.88 -9.79
CA ASP A 279 -17.10 13.40 -11.02
C ASP A 279 -16.21 14.36 -11.77
N GLY A 280 -14.95 14.51 -11.39
CA GLY A 280 -14.02 15.29 -12.17
C GLY A 280 -13.95 16.76 -11.83
N GLU A 281 -14.68 17.22 -10.79
CA GLU A 281 -14.55 18.59 -10.31
C GLU A 281 -13.26 18.74 -9.51
N LEU A 282 -12.72 19.95 -9.51
CA LEU A 282 -11.54 20.22 -8.69
C LEU A 282 -11.87 20.04 -7.22
N LEU A 283 -11.10 19.24 -6.52
CA LEU A 283 -11.34 19.01 -5.11
C LEU A 283 -10.68 20.12 -4.30
N THR A 284 -11.39 20.65 -3.31
CA THR A 284 -10.79 21.60 -2.39
C THR A 284 -10.37 20.89 -1.11
N SER A 285 -9.51 21.58 -0.36
CA SER A 285 -9.06 21.15 0.96
C SER A 285 -10.23 20.69 1.82
N ALA A 286 -11.29 21.49 1.85
CA ALA A 286 -12.42 21.27 2.73
C ALA A 286 -13.14 19.96 2.48
N HIS A 287 -12.76 19.21 1.44
CA HIS A 287 -13.40 17.95 1.12
C HIS A 287 -12.44 16.79 1.02
N VAL A 288 -11.13 17.01 1.16
CA VAL A 288 -10.20 15.89 1.19
C VAL A 288 -10.56 14.95 2.32
N PHE A 289 -10.92 15.52 3.48
CA PHE A 289 -11.03 14.69 4.66
C PHE A 289 -12.24 13.77 4.58
N SER A 290 -13.38 14.32 4.17
CA SER A 290 -14.54 13.49 3.88
C SER A 290 -14.16 12.31 2.99
N MET A 291 -13.39 12.57 1.93
CA MET A 291 -12.98 11.46 1.06
C MET A 291 -12.10 10.48 1.81
N LEU A 292 -11.19 10.98 2.65
CA LEU A 292 -10.33 10.08 3.43
C LEU A 292 -11.18 9.19 4.32
N GLN A 293 -12.13 9.77 5.05
CA GLN A 293 -13.01 9.00 5.93
C GLN A 293 -13.73 7.90 5.18
N GLU A 294 -14.39 8.26 4.07
CA GLU A 294 -15.21 7.28 3.36
C GLU A 294 -14.39 6.09 2.91
N PHE A 295 -13.19 6.33 2.39
CA PHE A 295 -12.42 5.19 1.90
C PHE A 295 -11.74 4.43 3.04
N THR A 296 -11.40 5.10 4.13
CA THR A 296 -10.91 4.35 5.30
C THR A 296 -11.96 3.34 5.76
N GLU A 297 -13.24 3.75 5.80
CA GLU A 297 -14.31 2.80 6.13
C GLU A 297 -14.36 1.64 5.14
N VAL A 298 -14.23 1.93 3.85
CA VAL A 298 -14.22 0.86 2.86
C VAL A 298 -13.07 -0.12 3.16
N LEU A 299 -11.87 0.41 3.43
CA LEU A 299 -10.73 -0.46 3.65
C LEU A 299 -10.88 -1.30 4.92
N ASN A 300 -11.54 -0.75 5.93
CA ASN A 300 -11.74 -1.50 7.18
C ASN A 300 -12.84 -2.56 7.08
N LEU A 301 -13.59 -2.60 5.97
CA LEU A 301 -14.73 -3.51 5.87
C LEU A 301 -14.32 -4.95 5.55
N GLN A 302 -13.20 -5.18 4.87
CA GLN A 302 -12.77 -6.54 4.58
C GLN A 302 -11.38 -6.85 5.11
N ILE A 303 -11.20 -8.10 5.56
CA ILE A 303 -9.88 -8.67 5.81
C ILE A 303 -9.57 -9.60 4.64
N TYR A 304 -8.43 -9.35 3.97
CA TYR A 304 -8.03 -10.19 2.87
C TYR A 304 -7.27 -11.43 3.32
N GLY A 305 -6.54 -11.32 4.42
CA GLY A 305 -5.70 -12.40 4.88
C GLY A 305 -4.39 -12.53 4.13
N PHE A 306 -3.86 -11.43 3.58
CA PHE A 306 -2.52 -11.44 3.00
C PHE A 306 -1.52 -11.93 4.02
N SER A 307 -0.68 -12.88 3.63
CA SER A 307 0.32 -13.41 4.55
C SER A 307 1.54 -13.79 3.74
N SER A 308 2.51 -14.41 4.40
CA SER A 308 3.69 -14.88 3.70
C SER A 308 3.30 -15.93 2.66
N PRO A 309 4.07 -16.07 1.59
CA PRO A 309 3.69 -17.02 0.54
C PRO A 309 3.60 -18.46 1.04
N MET A 310 4.46 -18.88 1.98
CA MET A 310 4.33 -20.26 2.47
C MET A 310 3.01 -20.46 3.22
N GLU A 311 2.59 -19.45 4.01
CA GLU A 311 1.35 -19.57 4.77
C GLU A 311 0.13 -19.52 3.86
N MET A 312 0.18 -18.71 2.81
CA MET A 312 -0.92 -18.72 1.85
C MET A 312 -0.98 -20.04 1.09
N PHE A 313 0.17 -20.63 0.73
CA PHE A 313 0.15 -21.96 0.12
C PHE A 313 -0.47 -22.98 1.07
N TYR A 314 -0.09 -22.94 2.35
CA TYR A 314 -0.66 -23.88 3.31
C TYR A 314 -2.16 -23.64 3.46
N ALA A 315 -2.57 -22.37 3.42
CA ALA A 315 -3.99 -22.04 3.54
C ALA A 315 -4.79 -22.65 2.39
N ILE A 316 -4.29 -22.54 1.15
CA ILE A 316 -4.98 -23.13 0.00
C ILE A 316 -5.09 -24.64 0.15
N LYS A 317 -3.98 -25.30 0.46
CA LYS A 317 -3.99 -26.75 0.55
C LYS A 317 -4.91 -27.22 1.68
N ASN A 318 -4.81 -26.56 2.84
CA ASN A 318 -5.63 -26.95 3.98
C ASN A 318 -7.11 -26.67 3.73
N GLN A 319 -7.43 -25.59 3.00
CA GLN A 319 -8.83 -25.37 2.65
C GLN A 319 -9.34 -26.44 1.70
N LYS A 320 -8.52 -26.84 0.73
CA LYS A 320 -8.87 -27.94 -0.16
C LYS A 320 -9.09 -29.21 0.62
N LEU A 321 -8.21 -29.49 1.59
CA LEU A 321 -8.34 -30.68 2.41
C LEU A 321 -9.67 -30.66 3.18
N MET A 322 -10.01 -29.53 3.79
CA MET A 322 -11.29 -29.41 4.50
C MET A 322 -12.46 -29.77 3.59
N GLY A 323 -12.49 -29.16 2.39
CA GLY A 323 -13.57 -29.45 1.45
C GLY A 323 -13.60 -30.91 1.03
N GLU A 324 -12.43 -31.51 0.85
CA GLU A 324 -12.39 -32.94 0.48
C GLU A 324 -12.92 -33.80 1.61
N ILE A 325 -12.59 -33.46 2.85
CA ILE A 325 -13.07 -34.24 3.98
C ILE A 325 -14.58 -34.12 4.12
N GLU A 326 -15.13 -32.90 3.98
CA GLU A 326 -16.59 -32.72 4.00
C GLU A 326 -17.26 -33.56 2.93
N ASN A 327 -16.73 -33.50 1.70
CA ASN A 327 -17.29 -34.28 0.59
C ASN A 327 -17.18 -35.79 0.85
N GLU A 328 -16.07 -36.22 1.45
CA GLU A 328 -15.95 -37.62 1.83
C GLU A 328 -17.04 -38.01 2.83
N PHE A 329 -17.30 -37.14 3.81
CA PHE A 329 -18.39 -37.38 4.74
C PHE A 329 -19.73 -37.46 4.01
N GLN A 330 -20.00 -36.47 3.13
CA GLN A 330 -21.26 -36.47 2.39
C GLN A 330 -21.43 -37.75 1.57
N ASP A 331 -20.37 -38.15 0.84
CA ASP A 331 -20.43 -39.38 0.07
C ASP A 331 -20.72 -40.58 0.96
N PHE A 332 -20.00 -40.67 2.09
CA PHE A 332 -20.25 -41.76 3.04
C PHE A 332 -21.71 -41.80 3.48
N LEU A 333 -22.31 -40.64 3.75
CA LEU A 333 -23.70 -40.63 4.21
C LEU A 333 -24.65 -41.06 3.11
N LYS A 334 -24.38 -40.60 1.88
CA LYS A 334 -25.21 -40.94 0.73
C LYS A 334 -25.14 -42.43 0.41
N ASN A 335 -24.05 -43.09 0.79
CA ASN A 335 -23.85 -44.52 0.51
C ASN A 335 -24.45 -45.44 1.57
N GLN A 336 -24.91 -44.90 2.69
CA GLN A 336 -25.47 -45.76 3.72
C GLN A 336 -26.79 -46.36 3.26
N SER A 337 -27.05 -47.59 3.70
CA SER A 337 -28.33 -48.23 3.40
C SER A 337 -29.43 -47.65 4.27
N SER A 338 -30.55 -47.29 3.64
CA SER A 338 -31.70 -46.78 4.37
C SER A 338 -32.37 -47.86 5.22
N LEU A 339 -31.90 -49.10 5.10
CA LEU A 339 -32.51 -50.21 5.83
C LEU A 339 -31.81 -50.48 7.16
N THR A 340 -30.66 -49.86 7.41
CA THR A 340 -30.01 -49.96 8.70
C THR A 340 -30.86 -49.32 9.79
N LEU A 341 -30.85 -49.92 10.98
CA LEU A 341 -31.62 -49.37 12.08
C LEU A 341 -31.02 -48.04 12.53
N PRO A 342 -31.84 -47.11 13.00
CA PRO A 342 -31.38 -45.75 13.33
C PRO A 342 -30.22 -45.74 14.33
N PRO A 343 -30.30 -46.47 15.46
CA PRO A 343 -29.18 -46.38 16.41
C PRO A 343 -27.87 -46.91 15.86
N THR A 344 -27.92 -48.02 15.11
CA THR A 344 -26.69 -48.57 14.48
C THR A 344 -26.11 -47.53 13.52
N MET A 345 -26.96 -46.81 12.80
CA MET A 345 -26.50 -45.79 11.84
C MET A 345 -25.79 -44.64 12.58
N ARG A 346 -26.34 -44.20 13.71
CA ARG A 346 -25.75 -43.07 14.46
C ARG A 346 -24.33 -43.44 14.87
N VAL A 347 -24.12 -44.66 15.35
CA VAL A 347 -22.75 -45.10 15.74
C VAL A 347 -21.85 -45.09 14.51
N LYS A 348 -22.34 -45.61 13.39
CA LYS A 348 -21.51 -45.71 12.16
C LYS A 348 -21.14 -44.30 11.67
N VAL A 349 -22.13 -43.39 11.67
CA VAL A 349 -21.87 -41.99 11.25
C VAL A 349 -20.90 -41.39 12.27
N SER A 350 -21.13 -41.65 13.55
CA SER A 350 -20.26 -41.04 14.54
C SER A 350 -18.81 -41.51 14.37
N GLN A 351 -18.62 -42.79 14.09
CA GLN A 351 -17.25 -43.29 13.92
C GLN A 351 -16.58 -42.68 12.68
N LYS A 352 -17.30 -42.64 11.55
CA LYS A 352 -16.74 -41.97 10.38
C LYS A 352 -16.41 -40.51 10.70
N PHE A 353 -17.27 -39.86 11.48
CA PHE A 353 -17.02 -38.48 11.88
C PHE A 353 -15.65 -38.34 12.53
N SER A 354 -15.44 -39.11 13.61
CA SER A 354 -14.17 -39.12 14.35
C SER A 354 -13.00 -39.47 13.44
N GLU A 355 -13.19 -40.52 12.63
CA GLU A 355 -12.15 -40.91 11.68
C GLU A 355 -11.77 -39.76 10.75
N LEU A 356 -12.75 -38.98 10.31
CA LEU A 356 -12.44 -37.87 9.41
C LEU A 356 -11.76 -36.71 10.14
N LEU A 357 -12.03 -36.51 11.43
CA LEU A 357 -11.28 -35.50 12.18
C LEU A 357 -9.82 -35.90 12.30
N GLU A 358 -9.57 -37.19 12.54
CA GLU A 358 -8.20 -37.68 12.56
C GLU A 358 -7.53 -37.52 11.21
N LYS A 359 -8.24 -37.84 10.12
CA LYS A 359 -7.67 -37.68 8.78
C LYS A 359 -7.28 -36.22 8.52
N PHE A 360 -8.11 -35.28 8.94
CA PHE A 360 -7.75 -33.87 8.77
C PHE A 360 -6.42 -33.57 9.45
N MET A 361 -6.30 -33.97 10.73
CA MET A 361 -5.08 -33.66 11.45
C MET A 361 -3.86 -34.38 10.86
N GLN A 362 -4.05 -35.53 10.24
CA GLN A 362 -2.90 -36.25 9.70
C GLN A 362 -2.41 -35.65 8.39
N PHE A 363 -3.25 -34.90 7.67
CA PHE A 363 -2.88 -34.36 6.39
C PHE A 363 -2.76 -32.83 6.38
N VAL A 364 -3.16 -32.15 7.46
CA VAL A 364 -3.05 -30.70 7.48
C VAL A 364 -1.58 -30.31 7.38
N GLN A 365 -1.30 -29.26 6.61
CA GLN A 365 0.06 -28.79 6.41
C GLN A 365 0.31 -27.53 7.22
N GLY A 366 1.59 -27.22 7.41
CA GLY A 366 1.98 -26.10 8.24
C GLY A 366 2.21 -26.49 9.69
N SER A 367 2.73 -25.53 10.46
CA SER A 367 3.15 -25.77 11.83
C SER A 367 2.43 -24.86 12.83
N ASN A 368 1.48 -24.06 12.36
CA ASN A 368 0.72 -23.16 13.22
C ASN A 368 -0.38 -23.96 13.93
N THR A 369 -0.06 -24.46 15.12
CA THR A 369 -1.02 -25.22 15.92
C THR A 369 -2.32 -24.45 16.13
N SER A 370 -2.22 -23.18 16.48
CA SER A 370 -3.44 -22.35 16.67
C SER A 370 -4.34 -22.40 15.44
N SER A 371 -3.78 -22.19 14.24
CA SER A 371 -4.56 -22.21 12.97
C SER A 371 -5.18 -23.58 12.74
N HIS A 372 -4.42 -24.63 13.01
CA HIS A 372 -4.93 -26.01 12.87
C HIS A 372 -6.17 -26.19 13.73
N ASP A 373 -6.12 -25.76 14.99
CA ASP A 373 -7.24 -25.96 15.93
C ASP A 373 -8.48 -25.26 15.39
N ALA A 374 -8.31 -24.03 14.92
CA ALA A 374 -9.47 -23.25 14.43
C ALA A 374 -10.09 -23.96 13.23
N MET A 375 -9.25 -24.44 12.32
CA MET A 375 -9.77 -25.11 11.11
C MET A 375 -10.49 -26.40 11.52
N LEU A 376 -9.91 -27.15 12.45
CA LEU A 376 -10.53 -28.41 12.92
C LEU A 376 -11.88 -28.12 13.58
N LYS A 377 -11.96 -27.04 14.36
CA LYS A 377 -13.21 -26.66 15.03
C LYS A 377 -14.25 -26.33 13.95
N ASP A 378 -13.83 -25.63 12.91
CA ASP A 378 -14.76 -25.27 11.81
C ASP A 378 -15.23 -26.55 11.12
N LEU A 379 -14.32 -27.47 10.85
CA LEU A 379 -14.68 -28.74 10.18
C LEU A 379 -15.66 -29.47 11.08
N GLU A 380 -15.39 -29.47 12.38
CA GLU A 380 -16.27 -30.18 13.33
C GLU A 380 -17.66 -29.52 13.29
N VAL A 381 -17.69 -28.20 13.15
CA VAL A 381 -19.00 -27.54 13.10
C VAL A 381 -19.73 -27.91 11.82
N ARG A 382 -19.04 -27.90 10.67
CA ARG A 382 -19.70 -28.28 9.43
C ARG A 382 -20.14 -29.74 9.47
N LEU A 383 -19.25 -30.63 9.94
CA LEU A 383 -19.59 -32.05 9.94
C LEU A 383 -20.74 -32.33 10.89
N LEU A 384 -20.78 -31.64 12.03
CA LEU A 384 -21.88 -31.85 12.99
C LEU A 384 -23.20 -31.43 12.39
N GLU A 385 -23.22 -30.28 11.72
CA GLU A 385 -24.41 -29.86 10.97
C GLU A 385 -24.90 -30.95 10.04
N ILE A 386 -24.02 -31.39 9.13
CA ILE A 386 -24.35 -32.47 8.20
C ILE A 386 -24.85 -33.70 8.96
N GLN A 387 -24.10 -34.11 9.99
CA GLN A 387 -24.49 -35.28 10.77
C GLN A 387 -25.88 -35.09 11.36
N GLU A 388 -26.12 -33.93 11.97
CA GLU A 388 -27.37 -33.70 12.68
C GLU A 388 -28.56 -33.81 11.74
N LYS A 389 -28.44 -33.22 10.55
CA LYS A 389 -29.56 -33.26 9.62
C LYS A 389 -29.78 -34.68 9.10
N PHE A 390 -28.70 -35.39 8.77
CA PHE A 390 -28.83 -36.77 8.30
C PHE A 390 -29.50 -37.65 9.34
N CYS A 391 -29.14 -37.50 10.62
CA CYS A 391 -29.62 -38.43 11.64
C CYS A 391 -31.03 -38.10 12.11
N ASN A 392 -31.45 -36.83 12.00
CA ASN A 392 -32.85 -36.53 12.32
C ASN A 392 -33.78 -37.07 11.24
N ASP A 393 -33.40 -36.94 9.97
CA ASP A 393 -34.24 -37.44 8.89
C ASP A 393 -34.27 -38.96 8.84
N PHE A 394 -33.15 -39.61 9.18
CA PHE A 394 -33.04 -41.05 9.02
C PHE A 394 -34.01 -41.79 9.94
N THR A 395 -34.84 -42.65 9.36
CA THR A 395 -35.78 -43.47 10.12
C THR A 395 -35.63 -44.96 9.75
#